data_9KFU
#
_entry.id   9KFU
#
_cell.length_a   71.610
_cell.length_b   71.610
_cell.length_c   153.760
_cell.angle_alpha   90.00
_cell.angle_beta   90.00
_cell.angle_gamma   90.00
#
_symmetry.space_group_name_H-M   'P 41 21 2'
#
loop_
_entity.id
_entity.type
_entity.pdbx_description
1 polymer 'Fibroblast growth factor receptor 3'
2 non-polymer (7~{S})-2-azanyl-7-(4-fluorophenyl)-6,7-dihydro-4~{H}-[1,3]thiazolo[4,5-b]pyridin-5-one
3 non-polymer 'SULFATE ION'
4 non-polymer 'COBALT (II) ION'
5 water water
#
_entity_poly.entity_id   1
_entity_poly.type   'polypeptide(L)'
_entity_poly.pdbx_seq_one_letter_code
;GPTLANVSELELPADPKWELSRARLTLGKPLGEGAFGQVVMAEAIGIDKDRAAKPVTVAVKMLKDDATDKDLSDLVSEME
MMKMIGKHKNIINLLGACTQGGPLYVLVEYAAKGNLREFLRARRPPGLDYSFDTCKPPEQQLTFKDLVSCAYQVARGMEY
LASQKCIHRDLAARNVLVTEDNVMKIADFGLARDVHNLDYYNTTTNGRLPVKWMAPEALFDRVYTHQSDVWSFGVLLWEI
FTLGGSPYPGIPVEELFKLLKEGHRMDKPANCTHDLYMIMRECWHAAPSQRPTFKQLVEDLDRVLTVTS
;
_entity_poly.pdbx_strand_id   A
#
# COMPACT_ATOMS: atom_id res chain seq x y z
N GLY A 1 -18.92 -8.78 16.63
CA GLY A 1 -17.83 -9.27 15.75
C GLY A 1 -18.26 -10.50 14.98
N PRO A 2 -17.88 -10.65 13.69
CA PRO A 2 -17.97 -11.95 13.04
C PRO A 2 -17.07 -12.96 13.74
N THR A 3 -17.48 -14.22 13.78
CA THR A 3 -16.65 -15.24 14.40
C THR A 3 -16.74 -16.53 13.58
N LEU A 4 -15.62 -17.24 13.55
CA LEU A 4 -15.55 -18.58 12.98
C LEU A 4 -16.25 -19.60 13.87
N ALA A 5 -16.48 -19.26 15.13
CA ALA A 5 -17.07 -20.20 16.06
C ALA A 5 -18.58 -20.03 15.99
N ASN A 6 -19.12 -20.57 14.90
CA ASN A 6 -20.55 -20.66 14.67
C ASN A 6 -20.81 -22.07 14.14
N VAL A 7 -22.02 -22.58 14.39
CA VAL A 7 -22.40 -23.87 13.82
C VAL A 7 -23.56 -23.68 12.85
N SER A 8 -24.01 -22.44 12.66
CA SER A 8 -24.99 -22.14 11.63
C SER A 8 -24.24 -21.60 10.42
N GLU A 9 -24.09 -20.28 10.36
CA GLU A 9 -23.46 -19.64 9.21
C GLU A 9 -22.66 -18.42 9.68
N LEU A 10 -21.74 -17.99 8.82
CA LEU A 10 -21.32 -16.59 8.69
C LEU A 10 -22.28 -15.63 9.39
N GLU A 11 -21.73 -14.67 10.14
CA GLU A 11 -22.52 -13.59 10.70
C GLU A 11 -21.97 -12.27 10.19
N LEU A 12 -22.15 -12.03 8.87
CA LEU A 12 -21.77 -10.77 8.25
C LEU A 12 -23.03 -10.13 7.67
N PRO A 13 -23.32 -8.87 8.02
CA PRO A 13 -24.45 -8.16 7.43
C PRO A 13 -24.36 -8.17 5.92
N ALA A 14 -25.51 -8.32 5.25
CA ALA A 14 -25.56 -8.26 3.81
C ALA A 14 -25.14 -6.86 3.38
N ASP A 15 -24.48 -6.76 2.22
CA ASP A 15 -24.18 -5.49 1.59
C ASP A 15 -24.30 -5.69 0.08
N PRO A 16 -25.56 -5.64 -0.44
CA PRO A 16 -25.85 -6.09 -1.79
C PRO A 16 -25.03 -5.41 -2.87
N LYS A 17 -24.72 -4.15 -2.66
CA LYS A 17 -24.04 -3.40 -3.69
C LYS A 17 -22.60 -3.87 -3.89
N TRP A 18 -22.00 -4.55 -2.89
CA TRP A 18 -20.67 -5.14 -3.06
C TRP A 18 -20.65 -6.65 -3.30
N GLU A 19 -21.79 -7.33 -3.17
CA GLU A 19 -21.82 -8.79 -3.22
C GLU A 19 -21.70 -9.30 -4.66
N LEU A 20 -20.88 -10.32 -4.84
CA LEU A 20 -20.81 -11.04 -6.10
C LEU A 20 -21.28 -12.46 -5.82
N SER A 21 -22.13 -12.98 -6.70
CA SER A 21 -22.58 -14.35 -6.49
C SER A 21 -21.47 -15.32 -6.85
N ARG A 22 -21.45 -16.47 -6.17
CA ARG A 22 -20.31 -17.38 -6.25
C ARG A 22 -20.13 -18.01 -7.62
N ALA A 23 -21.20 -18.19 -8.41
CA ALA A 23 -21.06 -18.78 -9.72
C ALA A 23 -20.30 -17.84 -10.66
N ARG A 24 -20.28 -16.54 -10.33
CA ARG A 24 -19.60 -15.53 -11.15
C ARG A 24 -18.11 -15.39 -10.75
N LEU A 25 -17.57 -16.30 -9.95
CA LEU A 25 -16.16 -16.31 -9.58
C LEU A 25 -15.60 -17.72 -9.71
N THR A 26 -14.49 -17.82 -10.42
CA THR A 26 -13.75 -19.06 -10.55
C THR A 26 -12.32 -18.80 -10.03
N LEU A 27 -11.98 -19.48 -8.94
CA LEU A 27 -10.67 -19.38 -8.29
C LEU A 27 -9.62 -20.04 -9.16
N GLY A 28 -8.41 -19.44 -9.15
CA GLY A 28 -7.30 -19.93 -9.94
C GLY A 28 -6.05 -20.11 -9.10
N LYS A 29 -4.89 -19.73 -9.66
CA LYS A 29 -3.63 -20.13 -9.05
C LYS A 29 -3.33 -19.24 -7.86
N PRO A 30 -2.77 -19.82 -6.78
CA PRO A 30 -2.30 -19.07 -5.62
C PRO A 30 -1.26 -18.01 -5.99
N LEU A 31 -1.34 -16.87 -5.33
CA LEU A 31 -0.38 -15.79 -5.51
C LEU A 31 0.55 -15.68 -4.30
N GLY A 32 0.17 -16.19 -3.14
CA GLY A 32 1.00 -16.05 -1.95
C GLY A 32 0.15 -15.76 -0.71
N GLU A 33 0.81 -15.69 0.45
CA GLU A 33 0.09 -15.46 1.70
C GLU A 33 0.72 -14.26 2.40
N GLY A 34 -0.11 -13.56 3.16
CA GLY A 34 0.29 -12.49 4.05
C GLY A 34 -0.05 -12.85 5.49
N ALA A 35 -0.02 -11.82 6.34
CA ALA A 35 -0.17 -11.95 7.78
C ALA A 35 -1.52 -12.54 8.17
N PHE A 36 -2.61 -12.10 7.52
CA PHE A 36 -3.92 -12.52 7.99
C PHE A 36 -4.76 -13.14 6.87
N GLY A 37 -4.13 -13.48 5.72
CA GLY A 37 -4.87 -14.03 4.59
C GLY A 37 -3.95 -14.51 3.49
N GLN A 38 -4.52 -15.23 2.52
CA GLN A 38 -3.85 -15.69 1.35
C GLN A 38 -4.53 -15.03 0.15
N VAL A 39 -3.81 -14.95 -0.97
CA VAL A 39 -4.33 -14.32 -2.16
C VAL A 39 -4.22 -15.32 -3.30
N VAL A 40 -5.30 -15.41 -4.08
CA VAL A 40 -5.35 -16.28 -5.24
C VAL A 40 -5.83 -15.48 -6.46
N MET A 41 -5.29 -15.79 -7.63
CA MET A 41 -5.85 -15.25 -8.84
C MET A 41 -7.24 -15.86 -9.06
N ALA A 42 -8.12 -15.12 -9.72
CA ALA A 42 -9.45 -15.63 -10.06
C ALA A 42 -9.97 -14.89 -11.27
N GLU A 43 -11.01 -15.44 -11.87
CA GLU A 43 -11.77 -14.73 -12.89
C GLU A 43 -13.17 -14.45 -12.34
N ALA A 44 -13.60 -13.20 -12.52
CA ALA A 44 -14.89 -12.72 -12.07
C ALA A 44 -15.69 -12.25 -13.26
N ILE A 45 -17.01 -12.53 -13.25
CA ILE A 45 -17.88 -12.15 -14.35
C ILE A 45 -18.62 -10.88 -13.99
N GLY A 46 -18.54 -9.89 -14.89
CA GLY A 46 -19.43 -8.73 -14.89
C GLY A 46 -19.17 -7.78 -13.73
N ILE A 47 -17.91 -7.41 -13.49
CA ILE A 47 -17.59 -6.64 -12.29
C ILE A 47 -16.58 -5.55 -12.63
N ASP A 48 -16.60 -5.09 -13.90
CA ASP A 48 -15.71 -4.03 -14.36
C ASP A 48 -16.20 -3.44 -15.69
N ARG A 51 -18.51 -3.63 -18.09
CA ARG A 51 -19.79 -4.37 -17.93
C ARG A 51 -20.07 -5.14 -19.22
N ALA A 52 -19.44 -6.32 -19.29
CA ALA A 52 -19.66 -7.30 -20.33
C ALA A 52 -19.23 -8.66 -19.78
N ALA A 53 -20.02 -9.71 -20.04
CA ALA A 53 -19.87 -11.03 -19.45
C ALA A 53 -18.48 -11.64 -19.66
N LYS A 54 -17.56 -10.85 -20.23
CA LYS A 54 -16.17 -11.27 -20.38
C LYS A 54 -15.55 -11.38 -18.98
N PRO A 55 -14.89 -12.51 -18.64
CA PRO A 55 -14.30 -12.64 -17.33
C PRO A 55 -13.08 -11.73 -17.19
N VAL A 56 -12.96 -11.09 -16.02
CA VAL A 56 -11.83 -10.23 -15.70
C VAL A 56 -10.97 -10.93 -14.64
N THR A 57 -9.64 -10.90 -14.81
CA THR A 57 -8.76 -11.45 -13.80
C THR A 57 -8.73 -10.49 -12.62
N VAL A 58 -8.94 -11.06 -11.42
CA VAL A 58 -8.93 -10.33 -10.17
C VAL A 58 -8.02 -11.06 -9.19
N ALA A 59 -7.74 -10.42 -8.04
CA ALA A 59 -7.07 -11.04 -6.91
C ALA A 59 -8.11 -11.28 -5.81
N VAL A 60 -8.10 -12.47 -5.23
CA VAL A 60 -9.04 -12.80 -4.18
C VAL A 60 -8.27 -12.99 -2.91
N LYS A 61 -8.60 -12.17 -1.89
CA LYS A 61 -8.06 -12.39 -0.57
C LYS A 61 -9.06 -13.22 0.23
N MET A 62 -8.54 -14.22 0.93
CA MET A 62 -9.36 -15.14 1.70
C MET A 62 -8.56 -15.59 2.91
N LEU A 63 -9.20 -16.28 3.86
CA LEU A 63 -8.49 -16.78 5.03
C LEU A 63 -7.53 -17.90 4.62
N LYS A 64 -6.43 -18.03 5.39
CA LYS A 64 -5.45 -19.08 5.22
C LYS A 64 -5.95 -20.37 5.85
N ASP A 65 -5.26 -21.46 5.51
CA ASP A 65 -5.57 -22.75 6.13
C ASP A 65 -5.33 -22.70 7.64
N ASP A 66 -4.34 -21.92 8.09
CA ASP A 66 -4.02 -21.78 9.51
C ASP A 66 -4.63 -20.46 10.04
N ALA A 67 -5.77 -20.04 9.48
CA ALA A 67 -6.44 -18.85 9.98
C ALA A 67 -6.84 -18.93 11.46
N THR A 68 -6.87 -17.74 12.07
CA THR A 68 -7.33 -17.47 13.41
C THR A 68 -8.64 -16.70 13.32
N ASP A 69 -9.33 -16.61 14.46
CA ASP A 69 -10.55 -15.83 14.50
C ASP A 69 -10.26 -14.34 14.25
N LYS A 70 -9.14 -13.85 14.76
CA LYS A 70 -8.72 -12.48 14.56
C LYS A 70 -8.47 -12.20 13.08
N ASP A 71 -7.94 -13.18 12.34
CA ASP A 71 -7.71 -13.00 10.92
C ASP A 71 -9.03 -12.70 10.21
N LEU A 72 -10.14 -13.35 10.59
CA LEU A 72 -11.47 -13.02 10.05
C LEU A 72 -11.85 -11.57 10.29
N SER A 73 -11.72 -11.13 11.53
CA SER A 73 -12.00 -9.77 11.93
C SER A 73 -11.14 -8.82 11.10
N ASP A 74 -9.87 -9.19 10.95
CA ASP A 74 -8.94 -8.31 10.24
C ASP A 74 -9.30 -8.18 8.77
N LEU A 75 -9.65 -9.30 8.13
CA LEU A 75 -9.98 -9.31 6.72
C LEU A 75 -11.27 -8.52 6.48
N VAL A 76 -12.30 -8.72 7.32
CA VAL A 76 -13.52 -7.93 7.24
C VAL A 76 -13.23 -6.44 7.40
N SER A 77 -12.41 -6.07 8.38
CA SER A 77 -12.06 -4.67 8.60
C SER A 77 -11.34 -4.05 7.40
N GLU A 78 -10.45 -4.81 6.76
CA GLU A 78 -9.74 -4.37 5.58
C GLU A 78 -10.73 -4.11 4.45
N MET A 79 -11.61 -5.07 4.24
CA MET A 79 -12.68 -4.92 3.25
C MET A 79 -13.51 -3.65 3.51
N GLU A 80 -13.90 -3.42 4.77
CA GLU A 80 -14.74 -2.27 5.10
C GLU A 80 -13.98 -0.96 4.86
N MET A 81 -12.68 -0.94 5.09
CA MET A 81 -11.89 0.26 4.80
C MET A 81 -11.89 0.51 3.29
N MET A 82 -11.67 -0.54 2.50
CA MET A 82 -11.56 -0.41 1.07
C MET A 82 -12.89 0.01 0.47
N LYS A 83 -14.02 -0.35 1.11
CA LYS A 83 -15.31 0.12 0.59
C LYS A 83 -15.38 1.64 0.62
N MET A 84 -14.67 2.25 1.58
CA MET A 84 -14.77 3.68 1.84
C MET A 84 -13.82 4.48 0.97
N ILE A 85 -12.90 3.81 0.26
CA ILE A 85 -11.94 4.46 -0.63
C ILE A 85 -12.42 4.40 -2.08
N GLY A 86 -12.62 5.55 -2.69
CA GLY A 86 -13.18 5.54 -4.03
C GLY A 86 -12.15 5.09 -5.05
N LYS A 87 -12.62 4.92 -6.27
CA LYS A 87 -11.83 4.41 -7.37
C LYS A 87 -10.72 5.41 -7.74
N HIS A 88 -9.50 4.88 -7.90
CA HIS A 88 -8.37 5.69 -8.34
C HIS A 88 -7.37 4.75 -8.99
N LYS A 89 -6.80 5.20 -10.09
CA LYS A 89 -5.94 4.35 -10.89
C LYS A 89 -4.71 3.88 -10.10
N ASN A 90 -4.26 4.68 -9.13
CA ASN A 90 -3.04 4.37 -8.39
C ASN A 90 -3.32 3.82 -7.01
N ILE A 91 -4.49 3.18 -6.85
CA ILE A 91 -4.87 2.45 -5.67
C ILE A 91 -5.41 1.10 -6.12
N ILE A 92 -5.07 0.05 -5.38
CA ILE A 92 -5.74 -1.25 -5.49
C ILE A 92 -7.14 -1.08 -4.91
N ASN A 93 -8.17 -1.19 -5.77
CA ASN A 93 -9.52 -0.94 -5.30
C ASN A 93 -10.25 -2.27 -5.11
N LEU A 94 -11.18 -2.23 -4.17
CA LEU A 94 -12.16 -3.27 -3.97
C LEU A 94 -13.05 -3.38 -5.20
N LEU A 95 -13.37 -4.61 -5.59
CA LEU A 95 -14.21 -4.87 -6.76
C LEU A 95 -15.49 -5.60 -6.35
N GLY A 96 -15.45 -6.28 -5.22
CA GLY A 96 -16.61 -7.05 -4.76
C GLY A 96 -16.22 -7.99 -3.64
N ALA A 97 -17.19 -8.80 -3.20
CA ALA A 97 -16.97 -9.67 -2.09
C ALA A 97 -17.99 -10.79 -2.15
N CYS A 98 -17.59 -11.98 -1.68
CA CYS A 98 -18.52 -13.07 -1.46
C CYS A 98 -18.56 -13.27 0.04
N THR A 99 -19.68 -12.86 0.68
CA THR A 99 -19.72 -12.78 2.13
C THR A 99 -20.82 -13.67 2.69
N GLN A 100 -21.74 -14.11 1.84
CA GLN A 100 -22.90 -14.90 2.27
C GLN A 100 -22.71 -16.28 1.67
N GLY A 101 -23.13 -17.33 2.39
CA GLY A 101 -23.34 -18.64 1.80
C GLY A 101 -22.06 -19.40 1.44
N GLY A 102 -20.95 -19.12 2.14
CA GLY A 102 -19.68 -19.77 1.84
C GLY A 102 -18.49 -19.05 2.48
N PRO A 103 -17.25 -19.44 2.15
CA PRO A 103 -16.05 -18.74 2.61
C PRO A 103 -16.00 -17.28 2.18
N LEU A 104 -15.38 -16.47 3.02
CA LEU A 104 -15.22 -15.05 2.75
C LEU A 104 -14.18 -14.86 1.66
N TYR A 105 -14.59 -14.23 0.55
CA TYR A 105 -13.70 -13.85 -0.54
C TYR A 105 -13.78 -12.34 -0.75
N VAL A 106 -12.63 -11.64 -0.70
CA VAL A 106 -12.57 -10.21 -0.94
C VAL A 106 -11.88 -10.00 -2.28
N LEU A 107 -12.59 -9.47 -3.28
CA LEU A 107 -12.09 -9.35 -4.63
C LEU A 107 -11.50 -7.95 -4.82
N VAL A 108 -10.24 -7.89 -5.23
CA VAL A 108 -9.52 -6.62 -5.42
C VAL A 108 -8.86 -6.67 -6.81
N GLU A 109 -8.45 -5.48 -7.29
CA GLU A 109 -7.74 -5.41 -8.53
C GLU A 109 -6.45 -6.23 -8.47
N TYR A 110 -6.15 -6.86 -9.60
CA TYR A 110 -5.00 -7.70 -9.80
C TYR A 110 -3.86 -6.89 -10.39
N ALA A 111 -2.65 -7.15 -9.90
CA ALA A 111 -1.42 -6.51 -10.35
C ALA A 111 -0.43 -7.62 -10.67
N ALA A 112 -0.27 -7.86 -11.98
CA ALA A 112 0.43 -9.04 -12.50
C ALA A 112 1.92 -9.06 -12.15
N LYS A 113 2.56 -7.89 -11.93
CA LYS A 113 4.00 -7.91 -11.71
C LYS A 113 4.39 -7.88 -10.22
N GLY A 114 3.42 -8.01 -9.32
CA GLY A 114 3.69 -8.10 -7.88
C GLY A 114 4.10 -6.78 -7.26
N ASN A 115 4.75 -6.89 -6.09
CA ASN A 115 5.07 -5.71 -5.30
C ASN A 115 6.27 -4.98 -5.91
N LEU A 116 6.29 -3.66 -5.71
CA LEU A 116 7.32 -2.78 -6.23
C LEU A 116 8.71 -3.13 -5.72
N ARG A 117 8.84 -3.44 -4.45
CA ARG A 117 10.14 -3.78 -3.89
C ARG A 117 10.81 -4.91 -4.69
N GLU A 118 10.12 -6.06 -4.86
CA GLU A 118 10.70 -7.18 -5.62
C GLU A 118 10.89 -6.85 -7.11
N PHE A 119 9.97 -6.08 -7.69
CA PHE A 119 10.04 -5.63 -9.07
C PHE A 119 11.34 -4.87 -9.30
N LEU A 120 11.65 -3.96 -8.38
CA LEU A 120 12.85 -3.14 -8.52
C LEU A 120 14.10 -4.00 -8.33
N ARG A 121 14.09 -4.83 -7.29
CA ARG A 121 15.28 -5.60 -7.00
C ARG A 121 15.60 -6.55 -8.17
N ALA A 122 14.56 -7.11 -8.79
CA ALA A 122 14.75 -8.06 -9.87
C ALA A 122 15.35 -7.38 -11.09
N ARG A 123 15.25 -6.04 -11.17
CA ARG A 123 15.71 -5.31 -12.34
C ARG A 123 16.97 -4.52 -12.02
N ARG A 124 17.72 -4.93 -11.00
CA ARG A 124 18.99 -4.27 -10.73
C ARG A 124 19.99 -4.64 -11.83
N PRO A 125 20.83 -3.69 -12.35
CA PRO A 125 21.65 -3.90 -13.54
C PRO A 125 22.30 -5.27 -13.75
N PRO A 126 23.05 -5.84 -12.77
CA PRO A 126 23.78 -7.08 -13.02
C PRO A 126 22.90 -8.33 -12.93
N GLN A 140 15.18 -4.62 -21.06
CA GLN A 140 15.30 -3.14 -20.93
C GLN A 140 15.48 -2.77 -19.46
N GLN A 141 16.59 -2.09 -19.14
CA GLN A 141 16.86 -1.70 -17.77
C GLN A 141 15.78 -0.72 -17.31
N LEU A 142 15.65 -0.56 -15.99
CA LEU A 142 14.89 0.56 -15.47
C LEU A 142 15.69 1.83 -15.67
N THR A 143 15.05 2.84 -16.25
CA THR A 143 15.70 4.14 -16.38
C THR A 143 15.29 5.06 -15.23
N PHE A 144 16.05 6.15 -15.12
CA PHE A 144 15.71 7.28 -14.30
C PHE A 144 14.25 7.70 -14.47
N LYS A 145 13.80 7.85 -15.73
CA LYS A 145 12.46 8.30 -16.00
C LYS A 145 11.44 7.33 -15.43
N ASP A 146 11.75 6.03 -15.53
CA ASP A 146 10.87 5.00 -14.99
C ASP A 146 10.74 5.15 -13.47
N LEU A 147 11.86 5.41 -12.80
CA LEU A 147 11.87 5.64 -11.35
C LEU A 147 11.04 6.85 -10.97
N VAL A 148 11.26 8.00 -11.63
CA VAL A 148 10.48 9.17 -11.31
C VAL A 148 8.98 8.90 -11.55
N SER A 149 8.66 8.17 -12.63
CA SER A 149 7.29 7.85 -12.97
C SER A 149 6.63 7.04 -11.85
N CYS A 150 7.37 6.07 -11.33
CA CYS A 150 6.91 5.27 -10.20
CA CYS A 150 6.89 5.27 -10.22
C CYS A 150 6.58 6.17 -9.02
N ALA A 151 7.51 7.09 -8.67
CA ALA A 151 7.31 7.99 -7.54
C ALA A 151 6.10 8.89 -7.74
N TYR A 152 5.97 9.49 -8.91
CA TYR A 152 4.85 10.33 -9.25
C TYR A 152 3.53 9.59 -9.08
N GLN A 153 3.43 8.38 -9.61
CA GLN A 153 2.19 7.61 -9.55
C GLN A 153 1.78 7.31 -8.11
N VAL A 154 2.77 6.96 -7.26
CA VAL A 154 2.47 6.72 -5.85
C VAL A 154 2.03 8.00 -5.20
N ALA A 155 2.72 9.14 -5.49
CA ALA A 155 2.28 10.40 -4.93
C ALA A 155 0.84 10.75 -5.31
N ARG A 156 0.45 10.48 -6.55
CA ARG A 156 -0.89 10.77 -7.01
C ARG A 156 -1.90 9.91 -6.25
N GLY A 157 -1.57 8.64 -6.05
CA GLY A 157 -2.39 7.75 -5.23
C GLY A 157 -2.57 8.27 -3.81
N MET A 158 -1.48 8.72 -3.18
CA MET A 158 -1.49 9.22 -1.80
C MET A 158 -2.23 10.55 -1.69
N GLU A 159 -2.06 11.43 -2.69
CA GLU A 159 -2.84 12.66 -2.76
C GLU A 159 -4.34 12.34 -2.75
N TYR A 160 -4.74 11.35 -3.53
CA TYR A 160 -6.13 10.91 -3.57
C TYR A 160 -6.55 10.38 -2.19
N LEU A 161 -5.74 9.49 -1.59
CA LEU A 161 -6.06 8.95 -0.29
C LEU A 161 -6.25 10.06 0.71
N ALA A 162 -5.33 11.02 0.72
CA ALA A 162 -5.43 12.08 1.69
C ALA A 162 -6.73 12.87 1.48
N SER A 163 -7.13 13.09 0.23
CA SER A 163 -8.34 13.85 -0.08
C SER A 163 -9.59 13.09 0.37
N GLN A 164 -9.46 11.77 0.52
CA GLN A 164 -10.55 10.91 1.01
C GLN A 164 -10.47 10.74 2.53
N LYS A 165 -9.65 11.55 3.19
CA LYS A 165 -9.47 11.55 4.64
C LYS A 165 -8.99 10.19 5.15
N CYS A 166 -8.10 9.52 4.38
CA CYS A 166 -7.60 8.19 4.73
C CYS A 166 -6.09 8.28 4.96
N ILE A 167 -5.64 7.80 6.11
CA ILE A 167 -4.22 7.63 6.41
C ILE A 167 -3.89 6.15 6.21
N HIS A 168 -2.88 5.91 5.37
CA HIS A 168 -2.48 4.55 5.09
C HIS A 168 -1.76 3.91 6.26
N ARG A 169 -0.75 4.60 6.80
CA ARG A 169 0.07 4.17 7.93
C ARG A 169 1.12 3.09 7.65
N ASP A 170 1.14 2.46 6.47
CA ASP A 170 2.09 1.41 6.17
C ASP A 170 2.58 1.52 4.73
N LEU A 171 2.85 2.75 4.30
CA LEU A 171 3.39 2.95 2.96
C LEU A 171 4.85 2.52 2.91
N ALA A 172 5.17 1.74 1.88
CA ALA A 172 6.47 1.11 1.68
C ALA A 172 6.43 0.44 0.32
N ALA A 173 7.62 0.19 -0.27
CA ALA A 173 7.67 -0.41 -1.57
C ALA A 173 6.99 -1.78 -1.57
N ARG A 174 7.07 -2.49 -0.44
CA ARG A 174 6.41 -3.79 -0.36
C ARG A 174 4.89 -3.70 -0.50
N ASN A 175 4.33 -2.51 -0.22
CA ASN A 175 2.89 -2.27 -0.24
C ASN A 175 2.42 -1.45 -1.43
N VAL A 176 3.23 -1.40 -2.48
CA VAL A 176 2.82 -0.87 -3.77
C VAL A 176 2.91 -2.03 -4.76
N LEU A 177 1.85 -2.24 -5.57
CA LEU A 177 1.87 -3.27 -6.58
C LEU A 177 2.00 -2.69 -7.96
N VAL A 178 2.48 -3.54 -8.87
CA VAL A 178 2.75 -3.13 -10.24
C VAL A 178 1.91 -3.97 -11.20
N THR A 179 1.16 -3.30 -12.05
CA THR A 179 0.33 -4.00 -13.03
C THR A 179 1.18 -4.47 -14.21
N GLU A 180 0.54 -5.27 -15.06
CA GLU A 180 1.09 -5.71 -16.33
C GLU A 180 1.59 -4.51 -17.14
N ASP A 181 0.86 -3.38 -17.10
CA ASP A 181 1.23 -2.20 -17.85
C ASP A 181 2.05 -1.20 -17.02
N ASN A 182 2.73 -1.70 -15.98
CA ASN A 182 3.57 -0.90 -15.09
C ASN A 182 2.84 0.27 -14.44
N VAL A 183 1.55 0.12 -14.11
CA VAL A 183 0.88 1.09 -13.27
C VAL A 183 1.13 0.75 -11.81
N MET A 184 1.48 1.76 -11.01
CA MET A 184 1.74 1.61 -9.58
C MET A 184 0.41 1.76 -8.84
N LYS A 185 0.08 0.77 -7.99
CA LYS A 185 -1.14 0.81 -7.21
C LYS A 185 -0.82 0.53 -5.75
N ILE A 186 -1.16 1.48 -4.91
CA ILE A 186 -0.97 1.35 -3.48
C ILE A 186 -1.93 0.29 -2.94
N ALA A 187 -1.38 -0.57 -2.09
CA ALA A 187 -2.06 -1.78 -1.63
C ALA A 187 -1.99 -1.89 -0.12
N ASP A 188 -2.57 -2.99 0.41
CA ASP A 188 -2.41 -3.39 1.78
C ASP A 188 -2.95 -2.35 2.74
N PHE A 189 -4.29 -2.21 2.74
CA PHE A 189 -5.01 -1.24 3.53
C PHE A 189 -5.40 -1.74 4.92
N GLY A 190 -4.76 -2.83 5.36
CA GLY A 190 -5.06 -3.44 6.66
C GLY A 190 -4.81 -2.53 7.86
N LEU A 191 -3.87 -1.57 7.75
CA LEU A 191 -3.59 -0.65 8.86
C LEU A 191 -4.20 0.74 8.65
N ALA A 192 -4.85 0.96 7.49
CA ALA A 192 -5.33 2.26 7.10
C ALA A 192 -6.53 2.63 7.99
N ARG A 193 -6.66 3.93 8.22
CA ARG A 193 -7.69 4.47 9.11
C ARG A 193 -8.39 5.65 8.42
N ASP A 194 -9.70 5.76 8.71
CA ASP A 194 -10.48 6.93 8.33
C ASP A 194 -10.30 7.95 9.43
N VAL A 195 -9.50 8.99 9.21
CA VAL A 195 -9.46 10.11 10.12
C VAL A 195 -10.71 10.97 9.87
N ASN A 202 -4.97 2.92 23.17
CA ASN A 202 -4.50 4.33 23.20
C ASN A 202 -2.98 4.35 23.48
N THR A 203 -2.54 3.68 24.55
CA THR A 203 -1.11 3.62 24.89
C THR A 203 -0.30 2.94 23.78
N THR A 204 -0.91 1.97 23.08
CA THR A 204 -0.22 1.18 22.06
C THR A 204 -0.51 1.69 20.65
N THR A 205 -1.09 2.89 20.52
CA THR A 205 -1.36 3.50 19.23
C THR A 205 -0.09 3.57 18.38
N ASN A 206 -0.24 3.09 17.15
CA ASN A 206 0.80 3.05 16.14
C ASN A 206 1.89 2.05 16.45
N GLY A 207 1.60 1.08 17.35
CA GLY A 207 2.56 0.04 17.66
C GLY A 207 2.70 -1.04 16.58
N ARG A 208 1.80 -1.07 15.58
CA ARG A 208 1.92 -2.04 14.49
C ARG A 208 2.56 -1.48 13.20
N LEU A 209 3.19 -0.31 13.30
CA LEU A 209 3.78 0.31 12.12
C LEU A 209 5.28 0.03 12.06
N PRO A 210 5.82 -0.49 10.93
CA PRO A 210 7.25 -0.72 10.82
C PRO A 210 8.03 0.57 11.03
N VAL A 211 8.92 0.56 12.03
CA VAL A 211 9.52 1.78 12.53
C VAL A 211 10.45 2.45 11.53
N LYS A 212 11.06 1.70 10.60
CA LYS A 212 11.96 2.33 9.63
C LYS A 212 11.24 3.17 8.56
N TRP A 213 9.91 3.07 8.47
CA TRP A 213 9.12 3.84 7.52
C TRP A 213 8.30 4.92 8.21
N MET A 214 8.42 4.99 9.53
CA MET A 214 7.43 5.66 10.36
C MET A 214 7.91 7.06 10.82
N ALA A 215 7.04 8.06 10.64
CA ALA A 215 7.28 9.40 11.18
C ALA A 215 7.46 9.33 12.69
N PRO A 216 8.49 9.96 13.27
CA PRO A 216 8.73 9.87 14.71
C PRO A 216 7.54 10.20 15.60
N GLU A 217 6.69 11.14 15.18
CA GLU A 217 5.56 11.59 15.96
C GLU A 217 4.56 10.45 16.18
N ALA A 218 4.46 9.51 15.22
CA ALA A 218 3.55 8.38 15.37
C ALA A 218 3.80 7.63 16.68
N LEU A 219 5.08 7.39 17.04
CA LEU A 219 5.33 6.70 18.30
C LEU A 219 5.55 7.69 19.45
N PHE A 220 6.30 8.77 19.22
CA PHE A 220 6.64 9.65 20.34
C PHE A 220 5.41 10.42 20.83
N ASP A 221 4.47 10.74 19.94
CA ASP A 221 3.29 11.52 20.35
C ASP A 221 1.97 10.73 20.20
N ARG A 222 2.03 9.52 19.61
CA ARG A 222 0.85 8.71 19.35
C ARG A 222 -0.21 9.48 18.55
N VAL A 223 0.22 10.20 17.53
CA VAL A 223 -0.68 10.82 16.58
C VAL A 223 -0.29 10.28 15.20
N TYR A 224 -1.17 10.47 14.23
CA TYR A 224 -0.92 10.08 12.87
C TYR A 224 -1.75 10.99 11.98
N THR A 225 -1.07 11.79 11.15
CA THR A 225 -1.75 12.62 10.17
C THR A 225 -1.28 12.32 8.75
N HIS A 226 -1.86 13.00 7.75
CA HIS A 226 -1.39 12.84 6.38
C HIS A 226 0.10 13.16 6.28
N GLN A 227 0.57 14.07 7.14
CA GLN A 227 1.97 14.46 7.12
C GLN A 227 2.88 13.34 7.62
N SER A 228 2.31 12.43 8.42
CA SER A 228 3.04 11.24 8.84
C SER A 228 3.23 10.32 7.64
N ASP A 229 2.18 10.15 6.81
CA ASP A 229 2.27 9.38 5.59
C ASP A 229 3.35 9.99 4.66
N VAL A 230 3.46 11.32 4.65
CA VAL A 230 4.52 11.96 3.88
C VAL A 230 5.92 11.48 4.27
N TRP A 231 6.19 11.32 5.56
CA TRP A 231 7.46 10.78 6.02
C TRP A 231 7.73 9.42 5.35
N SER A 232 6.72 8.53 5.43
CA SER A 232 6.83 7.24 4.82
C SER A 232 7.08 7.32 3.33
N PHE A 233 6.38 8.23 2.62
CA PHE A 233 6.60 8.41 1.20
C PHE A 233 8.08 8.74 0.93
N GLY A 234 8.69 9.59 1.77
CA GLY A 234 10.13 9.87 1.71
C GLY A 234 11.01 8.61 1.72
N VAL A 235 10.67 7.67 2.62
CA VAL A 235 11.37 6.43 2.75
C VAL A 235 11.12 5.62 1.48
N LEU A 236 9.87 5.59 1.00
CA LEU A 236 9.56 4.91 -0.24
C LEU A 236 10.35 5.49 -1.41
N LEU A 237 10.52 6.83 -1.44
CA LEU A 237 11.29 7.43 -2.52
C LEU A 237 12.72 6.88 -2.50
N TRP A 238 13.31 6.74 -1.32
CA TRP A 238 14.65 6.21 -1.17
C TRP A 238 14.68 4.75 -1.63
N GLU A 239 13.66 3.97 -1.27
CA GLU A 239 13.54 2.63 -1.77
C GLU A 239 13.51 2.58 -3.30
N ILE A 240 12.72 3.45 -3.94
CA ILE A 240 12.64 3.45 -5.39
C ILE A 240 14.03 3.70 -6.00
N PHE A 241 14.69 4.78 -5.58
CA PHE A 241 15.94 5.18 -6.21
C PHE A 241 17.12 4.25 -5.85
N THR A 242 17.03 3.41 -4.81
CA THR A 242 18.02 2.37 -4.57
C THR A 242 17.62 1.04 -5.21
N LEU A 243 16.55 1.05 -6.03
CA LEU A 243 16.04 -0.13 -6.68
C LEU A 243 15.72 -1.19 -5.63
N GLY A 244 15.03 -0.79 -4.57
CA GLY A 244 14.53 -1.73 -3.57
C GLY A 244 15.51 -2.00 -2.44
N GLY A 245 16.33 -1.00 -2.12
CA GLY A 245 17.24 -1.09 -0.98
C GLY A 245 16.49 -1.06 0.36
N SER A 246 17.09 -1.71 1.35
CA SER A 246 16.53 -1.79 2.69
C SER A 246 16.92 -0.50 3.43
N PRO A 247 15.97 0.26 4.00
CA PRO A 247 16.31 1.52 4.63
C PRO A 247 17.26 1.39 5.81
N TYR A 248 18.09 2.41 6.03
CA TYR A 248 18.98 2.50 7.18
C TYR A 248 19.82 1.22 7.27
N PRO A 249 20.55 0.84 6.20
CA PRO A 249 21.25 -0.42 6.20
C PRO A 249 22.29 -0.45 7.30
N GLY A 250 22.37 -1.56 8.02
CA GLY A 250 23.33 -1.71 9.09
C GLY A 250 22.87 -1.07 10.40
N ILE A 251 21.69 -0.47 10.41
CA ILE A 251 21.31 0.15 11.67
C ILE A 251 20.10 -0.59 12.25
N PRO A 252 20.25 -1.13 13.48
CA PRO A 252 19.16 -1.89 14.10
C PRO A 252 18.03 -0.99 14.53
N VAL A 253 16.82 -1.53 14.56
CA VAL A 253 15.67 -0.69 14.89
C VAL A 253 15.78 -0.08 16.29
N GLU A 254 16.56 -0.72 17.17
CA GLU A 254 16.77 -0.22 18.53
C GLU A 254 17.61 1.05 18.57
N GLU A 255 18.41 1.30 17.53
CA GLU A 255 19.29 2.46 17.46
C GLU A 255 18.69 3.61 16.64
N LEU A 256 17.57 3.36 15.96
CA LEU A 256 17.11 4.23 14.90
C LEU A 256 16.73 5.62 15.40
N PHE A 257 15.85 5.70 16.40
CA PHE A 257 15.26 6.98 16.76
C PHE A 257 16.30 7.90 17.37
N LYS A 258 17.30 7.32 18.05
CA LYS A 258 18.40 8.12 18.60
C LYS A 258 19.19 8.81 17.49
N LEU A 259 19.49 8.06 16.43
CA LEU A 259 20.19 8.60 15.27
C LEU A 259 19.34 9.68 14.58
N LEU A 260 18.03 9.44 14.42
CA LEU A 260 17.15 10.39 13.76
C LEU A 260 17.04 11.68 14.59
N LYS A 261 16.88 11.55 15.90
CA LYS A 261 16.78 12.73 16.74
C LYS A 261 18.04 13.61 16.65
N GLU A 262 19.20 13.00 16.53
CA GLU A 262 20.47 13.69 16.38
C GLU A 262 20.62 14.27 14.97
N GLY A 263 19.63 14.03 14.07
CA GLY A 263 19.60 14.67 12.77
C GLY A 263 20.11 13.82 11.61
N HIS A 264 20.53 12.57 11.85
CA HIS A 264 20.93 11.67 10.77
C HIS A 264 19.72 11.43 9.85
N ARG A 265 20.02 11.39 8.56
CA ARG A 265 19.06 11.08 7.50
C ARG A 265 19.80 10.20 6.50
N MET A 266 19.08 9.36 5.77
CA MET A 266 19.74 8.52 4.79
C MET A 266 20.41 9.37 3.72
N ASP A 267 21.51 8.82 3.19
CA ASP A 267 22.30 9.47 2.13
C ASP A 267 21.57 9.41 0.80
N LYS A 268 21.95 10.34 -0.09
CA LYS A 268 21.38 10.39 -1.44
C LYS A 268 21.72 9.16 -2.25
N PRO A 269 20.72 8.40 -2.77
CA PRO A 269 21.00 7.36 -3.75
C PRO A 269 21.71 7.89 -5.01
N ALA A 270 22.58 7.07 -5.60
CA ALA A 270 23.27 7.44 -6.83
C ALA A 270 22.29 7.74 -7.98
N ASN A 271 21.14 7.04 -8.03
CA ASN A 271 20.19 7.26 -9.10
C ASN A 271 19.37 8.54 -8.90
N CYS A 272 19.41 9.11 -7.70
CA CYS A 272 18.67 10.29 -7.36
C CYS A 272 19.48 11.55 -7.76
N THR A 273 18.81 12.51 -8.41
CA THR A 273 19.43 13.82 -8.65
C THR A 273 19.28 14.65 -7.39
N HIS A 274 20.04 15.76 -7.34
CA HIS A 274 19.95 16.67 -6.21
C HIS A 274 18.50 17.14 -5.97
N ASP A 275 17.75 17.51 -7.02
CA ASP A 275 16.41 18.04 -6.84
C ASP A 275 15.48 17.00 -6.18
N LEU A 276 15.64 15.75 -6.59
CA LEU A 276 14.88 14.66 -5.98
C LEU A 276 15.31 14.43 -4.55
N TYR A 277 16.60 14.55 -4.25
CA TYR A 277 17.08 14.37 -2.90
C TYR A 277 16.54 15.46 -1.99
N MET A 278 16.43 16.71 -2.50
CA MET A 278 15.79 17.78 -1.73
C MET A 278 14.36 17.42 -1.32
N ILE A 279 13.61 16.84 -2.25
CA ILE A 279 12.22 16.45 -2.00
C ILE A 279 12.21 15.37 -0.91
N MET A 280 13.07 14.38 -1.07
CA MET A 280 13.18 13.29 -0.11
C MET A 280 13.49 13.78 1.31
N ARG A 281 14.46 14.71 1.46
CA ARG A 281 14.85 15.24 2.75
C ARG A 281 13.77 16.13 3.34
N GLU A 282 12.98 16.83 2.52
CA GLU A 282 11.88 17.65 3.03
C GLU A 282 10.81 16.76 3.67
N CYS A 283 10.61 15.58 3.08
CA CYS A 283 9.68 14.61 3.65
C CYS A 283 10.11 14.15 5.03
N TRP A 284 11.40 14.22 5.37
CA TRP A 284 11.90 13.81 6.67
C TRP A 284 12.22 14.98 7.60
N HIS A 285 11.57 16.12 7.39
CA HIS A 285 11.49 17.15 8.43
C HIS A 285 11.00 16.54 9.73
N ALA A 286 11.67 16.87 10.83
CA ALA A 286 11.20 16.46 12.16
C ALA A 286 9.80 17.00 12.43
N ALA A 287 9.56 18.26 12.04
CA ALA A 287 8.30 18.95 12.23
C ALA A 287 7.35 18.56 11.11
N PRO A 288 6.22 17.89 11.39
CA PRO A 288 5.31 17.48 10.34
C PRO A 288 4.89 18.63 9.42
N SER A 289 4.66 19.80 10.01
CA SER A 289 4.10 20.91 9.26
C SER A 289 5.09 21.48 8.25
N GLN A 290 6.38 21.10 8.35
CA GLN A 290 7.39 21.57 7.42
C GLN A 290 7.62 20.57 6.29
N ARG A 291 6.99 19.39 6.36
CA ARG A 291 7.09 18.47 5.24
C ARG A 291 6.14 18.95 4.17
N PRO A 292 6.36 18.61 2.91
CA PRO A 292 5.39 18.94 1.89
C PRO A 292 4.13 18.17 2.08
N THR A 293 3.05 18.67 1.50
CA THR A 293 1.82 17.90 1.35
C THR A 293 1.93 16.98 0.14
N PHE A 294 1.05 15.96 0.07
CA PHE A 294 1.03 15.14 -1.12
C PHE A 294 0.70 15.96 -2.37
N LYS A 295 -0.16 16.97 -2.23
CA LYS A 295 -0.50 17.83 -3.36
C LYS A 295 0.75 18.55 -3.88
N GLN A 296 1.56 19.03 -2.95
CA GLN A 296 2.85 19.63 -3.29
C GLN A 296 3.84 18.62 -3.87
N LEU A 297 3.91 17.38 -3.33
CA LEU A 297 4.76 16.37 -3.92
C LEU A 297 4.39 16.01 -5.34
N VAL A 298 3.09 15.90 -5.62
CA VAL A 298 2.64 15.61 -6.97
C VAL A 298 3.17 16.71 -7.91
N GLU A 299 2.95 17.95 -7.52
CA GLU A 299 3.43 19.10 -8.29
C GLU A 299 4.94 19.01 -8.55
N ASP A 300 5.74 18.80 -7.47
CA ASP A 300 7.19 18.71 -7.58
C ASP A 300 7.61 17.58 -8.53
N LEU A 301 7.01 16.39 -8.38
CA LEU A 301 7.44 15.25 -9.16
C LEU A 301 6.93 15.37 -10.60
N ASP A 302 5.76 16.00 -10.79
CA ASP A 302 5.25 16.28 -12.11
C ASP A 302 6.28 17.11 -12.89
N ARG A 303 6.89 18.07 -12.20
CA ARG A 303 7.89 18.97 -12.77
C ARG A 303 9.12 18.19 -13.20
N VAL A 304 9.64 17.34 -12.28
CA VAL A 304 10.77 16.48 -12.59
C VAL A 304 10.45 15.60 -13.81
N LEU A 305 9.26 14.98 -13.83
CA LEU A 305 8.91 14.01 -14.85
C LEU A 305 8.83 14.69 -16.21
N THR A 306 8.28 15.91 -16.24
CA THR A 306 8.14 16.67 -17.48
C THR A 306 9.51 17.04 -18.04
N VAL A 307 10.42 17.55 -17.20
CA VAL A 307 11.71 17.96 -17.73
C VAL A 307 12.44 16.72 -18.26
N THR A 308 12.40 15.60 -17.52
CA THR A 308 13.13 14.42 -17.99
C THR A 308 12.43 13.80 -19.19
N SER A 309 11.11 14.09 -19.32
CA SER A 309 10.19 13.59 -20.34
C SER A 309 9.75 12.16 -20.01
#